data_9HS4
#
_entry.id   9HS4
#
_cell.length_a   46.657
_cell.length_b   80.627
_cell.length_c   84.695
_cell.angle_alpha   90.00
_cell.angle_beta   90.00
_cell.angle_gamma   90.00
#
_symmetry.space_group_name_H-M   'P 21 21 21'
#
loop_
_entity.id
_entity.type
_entity.pdbx_description
1 polymer 'Cytochrome P460'
2 non-polymer 'FE (III) ION'
3 non-polymer 'SULFATE ION'
4 non-polymer 'HEME C'
5 water water
#
_entity_poly.entity_id   1
_entity_poly.type   'polypeptide(L)'
_entity_poly.pdbx_seq_one_letter_code
;EPAAAPNGISLPAGYKDWKMIGVSSRIEQNNLRAILGNDIAVKAAREGRTHPWPDGAILVKLSWKKSTHELFPSAEVPGD
FTQADFMVKDAAKYASTGGWGYARWLGMEQKPYGANADFAQECMGCHSGAKAADYVFTHPAKLP
;
_entity_poly.pdbx_strand_id   A,B
#
loop_
_chem_comp.id
_chem_comp.type
_chem_comp.name
_chem_comp.formula
FE non-polymer 'FE (III) ION' 'Fe 3'
HEC non-polymer 'HEME C' 'C34 H34 Fe N4 O4'
SO4 non-polymer 'SULFATE ION' 'O4 S -2'
#
# COMPACT_ATOMS: atom_id res chain seq x y z
N GLU A 1 -18.27 18.31 0.99
CA GLU A 1 -17.70 17.56 -0.16
C GLU A 1 -16.62 18.45 -0.77
N PRO A 2 -15.49 17.87 -1.25
CA PRO A 2 -14.42 18.69 -1.75
C PRO A 2 -14.74 19.28 -3.10
N ALA A 3 -14.22 20.48 -3.29
CA ALA A 3 -14.32 21.18 -4.54
C ALA A 3 -13.58 20.40 -5.60
N ALA A 4 -13.99 20.62 -6.84
CA ALA A 4 -13.34 20.05 -7.99
C ALA A 4 -12.00 20.70 -8.17
N ALA A 5 -11.10 19.99 -8.86
CA ALA A 5 -9.83 20.56 -9.26
C ALA A 5 -10.11 21.66 -10.28
N PRO A 6 -9.14 22.55 -10.50
CA PRO A 6 -9.30 23.71 -11.40
C PRO A 6 -9.55 23.33 -12.82
N ASN A 7 -9.27 22.07 -13.22
CA ASN A 7 -9.56 21.60 -14.55
C ASN A 7 -10.85 20.81 -14.62
N GLY A 8 -11.65 20.82 -13.55
CA GLY A 8 -12.98 20.27 -13.67
C GLY A 8 -13.08 18.83 -13.19
N ILE A 9 -11.95 18.22 -12.77
CA ILE A 9 -12.00 16.84 -12.29
C ILE A 9 -12.48 16.83 -10.88
N SER A 10 -13.53 16.05 -10.64
CA SER A 10 -14.07 15.84 -9.31
CA SER A 10 -14.03 15.89 -9.29
C SER A 10 -13.32 14.72 -8.61
N LEU A 11 -13.27 14.83 -7.30
N LEU A 11 -13.34 14.76 -7.29
CA LEU A 11 -12.66 13.80 -6.49
CA LEU A 11 -12.57 13.81 -6.52
C LEU A 11 -13.41 12.49 -6.73
C LEU A 11 -13.31 12.46 -6.47
N PRO A 12 -12.72 11.37 -7.03
CA PRO A 12 -13.40 10.09 -7.16
C PRO A 12 -13.83 9.57 -5.82
N ALA A 13 -15.12 9.24 -5.76
CA ALA A 13 -15.70 8.75 -4.53
C ALA A 13 -15.14 7.35 -4.25
N GLY A 14 -14.89 7.05 -3.00
CA GLY A 14 -14.58 5.68 -2.65
C GLY A 14 -13.16 5.23 -2.98
N TYR A 15 -12.26 6.18 -3.26
N TYR A 15 -12.26 6.18 -3.21
CA TYR A 15 -10.90 5.84 -3.65
CA TYR A 15 -10.92 5.84 -3.64
C TYR A 15 -10.21 5.14 -2.50
C TYR A 15 -10.18 5.18 -2.49
N LYS A 16 -10.65 5.38 -1.25
CA LYS A 16 -9.94 4.79 -0.10
C LYS A 16 -10.15 3.28 -0.04
N ASP A 17 -11.11 2.77 -0.83
CA ASP A 17 -11.48 1.38 -0.84
C ASP A 17 -10.94 0.69 -2.08
N TRP A 18 -10.11 1.41 -2.82
CA TRP A 18 -9.61 0.83 -4.07
C TRP A 18 -8.48 -0.17 -3.77
N LYS A 19 -8.22 -1.02 -4.75
CA LYS A 19 -7.23 -2.06 -4.61
CA LYS A 19 -7.24 -2.08 -4.64
C LYS A 19 -5.84 -1.50 -4.85
N MET A 20 -4.86 -2.17 -4.27
N MET A 20 -4.85 -2.14 -4.23
N MET A 20 -4.84 -2.29 -4.45
CA MET A 20 -3.53 -1.63 -4.36
CA MET A 20 -3.49 -1.66 -4.30
CA MET A 20 -3.48 -1.80 -4.27
C MET A 20 -2.85 -2.01 -5.67
C MET A 20 -2.83 -2.02 -5.62
C MET A 20 -2.63 -2.10 -5.51
N ILE A 21 -2.07 -1.06 -6.15
CA ILE A 21 -1.17 -1.25 -7.30
C ILE A 21 0.29 -1.27 -6.86
N GLY A 22 0.62 -0.41 -5.90
CA GLY A 22 2.01 -0.34 -5.44
C GLY A 22 2.15 0.51 -4.18
N VAL A 23 3.40 0.61 -3.79
CA VAL A 23 3.83 1.51 -2.75
CA VAL A 23 3.89 1.42 -2.69
C VAL A 23 5.11 2.18 -3.20
N SER A 24 5.46 3.27 -2.52
CA SER A 24 6.74 3.92 -2.82
C SER A 24 7.16 4.79 -1.65
N SER A 25 8.41 5.17 -1.67
CA SER A 25 8.93 6.13 -0.71
C SER A 25 9.78 7.12 -1.49
N ARG A 26 9.50 8.41 -1.33
CA ARG A 26 10.19 9.47 -2.02
C ARG A 26 11.13 10.10 -1.00
N ILE A 27 12.41 9.84 -1.25
N ILE A 27 12.43 9.88 -1.10
CA ILE A 27 13.51 10.16 -0.38
CA ILE A 27 13.27 10.37 -0.04
C ILE A 27 13.61 11.68 -0.19
C ILE A 27 13.16 11.90 0.02
N GLU A 28 13.30 12.45 -1.25
N GLU A 28 13.32 12.56 -1.14
CA GLU A 28 13.51 13.88 -1.15
CA GLU A 28 13.50 13.99 -1.10
C GLU A 28 12.31 14.58 -0.57
C GLU A 28 12.31 14.59 -0.39
N GLN A 29 11.18 13.86 -0.42
CA GLN A 29 9.98 14.37 0.19
C GLN A 29 9.78 13.82 1.58
N ASN A 30 10.53 12.80 2.01
CA ASN A 30 10.32 12.24 3.33
CA ASN A 30 10.36 12.10 3.29
C ASN A 30 8.89 11.70 3.45
N ASN A 31 8.46 10.94 2.46
N ASN A 31 8.26 11.20 2.35
CA ASN A 31 7.13 10.42 2.55
CA ASN A 31 6.86 10.73 2.30
C ASN A 31 7.10 8.91 2.30
C ASN A 31 6.82 9.23 1.92
N LEU A 32 5.93 8.42 2.56
CA LEU A 32 5.52 7.09 2.12
C LEU A 32 4.26 7.26 1.29
N ARG A 33 4.15 6.46 0.23
N ARG A 33 4.10 6.42 0.26
CA ARG A 33 3.03 6.54 -0.67
CA ARG A 33 3.04 6.60 -0.72
C ARG A 33 2.44 5.15 -0.87
C ARG A 33 2.45 5.26 -1.12
N ALA A 34 1.11 5.17 -1.06
CA ALA A 34 0.37 4.00 -1.53
C ALA A 34 -0.24 4.38 -2.85
N ILE A 35 -0.16 3.46 -3.85
CA ILE A 35 -0.73 3.71 -5.17
C ILE A 35 -1.87 2.73 -5.31
N LEU A 36 -3.09 3.25 -5.42
CA LEU A 36 -4.29 2.46 -5.57
C LEU A 36 -4.82 2.72 -6.96
N GLY A 37 -5.75 1.89 -7.41
CA GLY A 37 -6.41 2.17 -8.68
C GLY A 37 -7.86 1.70 -8.63
N ASN A 38 -8.65 2.27 -9.52
CA ASN A 38 -10.01 1.79 -9.68
C ASN A 38 -9.97 0.42 -10.36
N ASP A 39 -11.13 -0.23 -10.54
N ASP A 39 -11.19 -0.13 -10.58
CA ASP A 39 -11.00 -1.60 -11.01
CA ASP A 39 -11.35 -1.47 -11.12
C ASP A 39 -10.50 -1.68 -12.47
C ASP A 39 -10.57 -1.64 -12.42
N ILE A 40 -10.75 -0.66 -13.30
CA ILE A 40 -10.17 -0.65 -14.64
C ILE A 40 -8.65 -0.58 -14.56
N ALA A 41 -8.11 0.33 -13.70
CA ALA A 41 -6.68 0.45 -13.52
C ALA A 41 -6.04 -0.80 -12.98
N VAL A 42 -6.70 -1.44 -12.01
CA VAL A 42 -6.14 -2.62 -11.37
C VAL A 42 -6.13 -3.80 -12.35
N LYS A 43 -7.18 -3.92 -13.09
CA LYS A 43 -7.20 -4.98 -14.10
C LYS A 43 -6.09 -4.72 -15.12
N ALA A 44 -5.94 -3.48 -15.58
CA ALA A 44 -4.90 -3.18 -16.55
C ALA A 44 -3.51 -3.45 -16.01
N ALA A 45 -3.27 -3.04 -14.75
CA ALA A 45 -2.00 -3.19 -14.08
C ALA A 45 -1.69 -4.67 -14.04
N ARG A 46 -2.66 -5.49 -13.69
CA ARG A 46 -2.35 -6.86 -13.38
C ARG A 46 -2.13 -7.61 -14.70
N GLU A 47 -2.86 -7.24 -15.75
CA GLU A 47 -2.66 -7.82 -17.07
C GLU A 47 -1.54 -7.19 -17.90
N GLY A 48 -0.88 -6.13 -17.43
CA GLY A 48 0.18 -5.48 -18.17
C GLY A 48 -0.38 -4.70 -19.38
N ARG A 49 -1.64 -4.23 -19.32
CA ARG A 49 -2.25 -3.40 -20.35
CA ARG A 49 -2.26 -3.40 -20.34
C ARG A 49 -1.98 -1.93 -20.03
N THR A 50 -0.74 -1.52 -20.23
CA THR A 50 -0.30 -0.20 -19.85
C THR A 50 0.38 0.57 -20.98
N HIS A 51 0.27 0.06 -22.20
CA HIS A 51 0.89 0.70 -23.34
CA HIS A 51 0.91 0.65 -23.36
C HIS A 51 -0.12 0.82 -24.48
N PRO A 52 -1.16 1.65 -24.36
CA PRO A 52 -1.36 2.51 -23.19
C PRO A 52 -2.33 1.95 -22.17
N TRP A 53 -2.44 2.70 -21.04
CA TRP A 53 -3.48 2.37 -20.10
C TRP A 53 -4.80 2.60 -20.76
N PRO A 54 -5.80 1.81 -20.40
CA PRO A 54 -7.14 2.00 -20.99
C PRO A 54 -7.89 3.17 -20.42
N ASP A 55 -8.74 3.73 -21.27
CA ASP A 55 -9.62 4.79 -20.86
C ASP A 55 -10.49 4.33 -19.72
N GLY A 56 -10.62 5.21 -18.74
CA GLY A 56 -11.36 4.89 -17.55
C GLY A 56 -10.48 4.56 -16.34
N ALA A 57 -9.21 4.24 -16.58
CA ALA A 57 -8.29 3.90 -15.50
C ALA A 57 -8.06 5.14 -14.67
N ILE A 58 -8.11 4.96 -13.38
CA ILE A 58 -7.75 6.02 -12.45
C ILE A 58 -6.71 5.48 -11.51
N LEU A 59 -5.61 6.21 -11.38
CA LEU A 59 -4.62 5.90 -10.36
CA LEU A 59 -4.64 5.88 -10.34
C LEU A 59 -4.68 6.98 -9.29
N VAL A 60 -4.53 6.56 -8.05
CA VAL A 60 -4.44 7.48 -6.95
C VAL A 60 -3.16 7.19 -6.18
N LYS A 61 -2.42 8.24 -5.85
CA LYS A 61 -1.28 8.10 -4.97
C LYS A 61 -1.58 8.86 -3.71
N LEU A 62 -1.54 8.15 -2.61
CA LEU A 62 -1.77 8.75 -1.31
C LEU A 62 -0.44 8.92 -0.61
N SER A 63 -0.20 10.10 -0.03
CA SER A 63 1.10 10.42 0.54
CA SER A 63 1.10 10.41 0.52
C SER A 63 0.95 10.76 2.00
N TRP A 64 1.86 10.24 2.82
CA TRP A 64 1.95 10.57 4.21
C TRP A 64 3.37 10.98 4.50
N LYS A 65 3.53 11.91 5.47
CA LYS A 65 4.88 12.15 5.97
CA LYS A 65 4.83 12.18 6.06
C LYS A 65 5.36 10.92 6.72
N LYS A 66 6.65 10.67 6.62
CA LYS A 66 7.22 9.50 7.28
C LYS A 66 7.44 9.80 8.75
N SER A 67 7.07 8.85 9.56
CA SER A 67 7.28 8.87 10.99
CA SER A 67 7.35 8.90 10.98
C SER A 67 7.99 7.57 11.37
N THR A 68 8.53 7.44 12.58
N THR A 68 8.50 7.51 12.60
CA THR A 68 9.19 6.20 12.98
CA THR A 68 9.18 6.34 13.16
C THR A 68 8.26 5.64 14.02
C THR A 68 8.15 5.66 14.03
N HIS A 69 8.07 4.32 14.00
CA HIS A 69 7.17 3.69 14.90
C HIS A 69 7.75 3.81 16.32
N GLU A 70 6.91 4.14 17.27
CA GLU A 70 7.36 4.36 18.65
C GLU A 70 7.89 3.07 19.29
N LEU A 71 7.46 1.87 18.83
CA LEU A 71 7.88 0.64 19.46
C LEU A 71 8.97 -0.02 18.66
N PHE A 72 9.25 0.49 17.48
N PHE A 72 9.31 0.56 17.51
CA PHE A 72 10.17 -0.18 16.56
CA PHE A 72 10.15 -0.14 16.56
C PHE A 72 10.77 0.89 15.67
C PHE A 72 10.80 0.86 15.63
N PRO A 73 11.88 1.53 16.10
CA PRO A 73 12.46 2.67 15.41
C PRO A 73 12.95 2.50 13.99
N SER A 74 13.20 1.28 13.54
CA SER A 74 13.67 1.10 12.20
C SER A 74 12.46 0.94 11.25
N ALA A 75 11.25 1.07 11.78
CA ALA A 75 10.04 1.03 10.96
C ALA A 75 9.58 2.45 10.68
N GLU A 76 9.65 2.82 9.42
CA GLU A 76 9.08 4.08 8.98
CA GLU A 76 9.10 4.08 8.93
C GLU A 76 7.64 3.84 8.59
N VAL A 77 6.75 4.64 9.19
CA VAL A 77 5.33 4.43 9.09
C VAL A 77 4.70 5.77 8.80
N PRO A 78 3.47 5.76 8.28
CA PRO A 78 2.80 6.99 7.94
C PRO A 78 2.50 7.85 9.16
N GLY A 79 2.79 9.12 9.00
CA GLY A 79 2.33 10.14 9.90
C GLY A 79 1.20 10.91 9.24
N ASP A 80 1.29 12.23 9.26
CA ASP A 80 0.23 13.03 8.73
CA ASP A 80 0.23 13.05 8.72
C ASP A 80 0.05 12.78 7.23
N PHE A 81 -1.21 12.81 6.80
CA PHE A 81 -1.57 12.70 5.40
C PHE A 81 -1.31 13.98 4.70
N THR A 82 -0.65 13.97 3.56
N THR A 82 -0.58 13.92 3.58
CA THR A 82 -0.32 15.22 2.93
CA THR A 82 -0.13 15.10 2.86
C THR A 82 -1.11 15.48 1.66
C THR A 82 -1.08 15.42 1.73
N GLN A 83 -1.32 14.47 0.80
CA GLN A 83 -1.99 14.74 -0.46
CA GLN A 83 -2.02 14.75 -0.44
C GLN A 83 -2.45 13.46 -1.12
N ALA A 84 -3.41 13.63 -2.00
CA ALA A 84 -3.97 12.64 -2.90
C ALA A 84 -3.77 13.15 -4.30
N ASP A 85 -3.01 12.40 -5.10
CA ASP A 85 -2.76 12.74 -6.47
CA ASP A 85 -2.73 12.72 -6.47
C ASP A 85 -3.49 11.73 -7.34
N PHE A 86 -4.12 12.22 -8.40
CA PHE A 86 -4.92 11.40 -9.27
CA PHE A 86 -4.92 11.37 -9.27
C PHE A 86 -4.45 11.57 -10.70
N MET A 87 -4.55 10.49 -11.48
CA MET A 87 -4.45 10.49 -12.91
C MET A 87 -5.61 9.68 -13.45
N VAL A 88 -6.38 10.32 -14.33
CA VAL A 88 -7.60 9.79 -14.91
C VAL A 88 -7.38 9.63 -16.39
N LYS A 89 -7.43 8.42 -16.93
CA LYS A 89 -7.11 8.20 -18.32
CA LYS A 89 -7.11 8.20 -18.32
C LYS A 89 -8.35 8.49 -19.17
N ASP A 90 -8.18 9.38 -20.12
CA ASP A 90 -9.20 9.57 -21.16
C ASP A 90 -8.49 10.23 -22.35
N ALA A 91 -8.17 9.41 -23.33
CA ALA A 91 -7.20 9.76 -24.34
C ALA A 91 -7.73 10.91 -25.18
N ALA A 92 -9.05 10.99 -25.27
CA ALA A 92 -9.70 12.04 -26.04
C ALA A 92 -9.84 13.29 -25.19
N LYS A 93 -10.48 13.20 -24.03
CA LYS A 93 -10.77 14.35 -23.20
CA LYS A 93 -10.76 14.38 -23.24
C LYS A 93 -9.48 15.07 -22.77
N TYR A 94 -8.41 14.32 -22.46
N TYR A 94 -8.41 14.31 -22.49
CA TYR A 94 -7.25 14.94 -21.85
CA TYR A 94 -7.22 14.88 -21.88
C TYR A 94 -6.07 14.87 -22.81
C TYR A 94 -6.04 14.84 -22.83
N ALA A 95 -6.36 14.92 -24.11
CA ALA A 95 -5.33 14.78 -25.13
C ALA A 95 -4.21 15.82 -24.98
N SER A 96 -4.56 16.99 -24.53
CA SER A 96 -3.55 18.02 -24.34
C SER A 96 -2.59 17.70 -23.21
N THR A 97 -2.95 16.83 -22.25
CA THR A 97 -2.00 16.51 -21.19
C THR A 97 -1.64 15.03 -21.25
N GLY A 98 -1.43 14.52 -22.47
CA GLY A 98 -0.92 13.17 -22.64
C GLY A 98 -1.98 12.09 -22.50
N GLY A 99 -3.26 12.44 -22.51
CA GLY A 99 -4.32 11.45 -22.38
C GLY A 99 -4.75 11.24 -20.93
N TRP A 100 -4.09 11.94 -20.02
CA TRP A 100 -4.38 11.84 -18.61
C TRP A 100 -4.89 13.17 -18.03
N GLY A 101 -5.91 13.06 -17.19
CA GLY A 101 -6.41 14.15 -16.37
C GLY A 101 -5.71 14.08 -15.03
N TYR A 102 -4.95 15.13 -14.72
CA TYR A 102 -4.27 15.20 -13.44
C TYR A 102 -5.05 16.02 -12.46
N ALA A 103 -4.94 15.65 -11.18
CA ALA A 103 -5.60 16.40 -10.14
C ALA A 103 -4.98 16.06 -8.82
N ARG A 104 -4.91 17.04 -7.92
CA ARG A 104 -4.35 16.81 -6.60
C ARG A 104 -5.22 17.53 -5.56
N TRP A 105 -5.47 16.85 -4.48
CA TRP A 105 -6.12 17.43 -3.29
C TRP A 105 -5.19 17.34 -2.12
N LEU A 106 -5.07 18.47 -1.37
CA LEU A 106 -4.11 18.61 -0.30
C LEU A 106 -4.74 18.41 1.06
N GLY A 107 -4.11 17.58 1.87
CA GLY A 107 -4.42 17.50 3.29
C GLY A 107 -5.69 16.75 3.59
N MET A 108 -5.94 16.64 4.90
CA MET A 108 -7.20 16.15 5.43
C MET A 108 -8.35 17.07 5.02
N GLU A 109 -8.03 18.32 4.75
N GLU A 109 -8.04 18.34 4.79
CA GLU A 109 -9.02 19.30 4.32
CA GLU A 109 -9.02 19.29 4.31
C GLU A 109 -9.33 19.22 2.83
C GLU A 109 -9.52 18.88 2.94
N GLN A 110 -8.61 18.39 2.08
CA GLN A 110 -8.91 18.14 0.68
C GLN A 110 -9.11 19.42 -0.09
N LYS A 111 -8.13 20.27 -0.02
CA LYS A 111 -8.13 21.48 -0.80
C LYS A 111 -7.59 21.20 -2.17
N PRO A 112 -8.27 21.60 -3.25
N PRO A 112 -8.21 21.70 -3.26
CA PRO A 112 -7.73 21.40 -4.59
CA PRO A 112 -7.79 21.36 -4.61
C PRO A 112 -6.45 22.19 -4.78
C PRO A 112 -6.62 22.19 -5.11
N TYR A 113 -5.51 21.51 -5.41
CA TYR A 113 -4.29 22.15 -5.80
C TYR A 113 -4.43 22.79 -7.16
N GLY A 114 -3.71 23.94 -7.26
CA GLY A 114 -3.47 24.54 -8.55
C GLY A 114 -4.04 25.96 -8.62
N ALA A 115 -3.29 26.78 -9.33
CA ALA A 115 -3.57 28.20 -9.43
C ALA A 115 -4.70 28.48 -10.40
N ASN A 116 -4.84 27.62 -11.42
CA ASN A 116 -5.76 27.76 -12.50
C ASN A 116 -5.86 26.46 -13.25
N ALA A 117 -6.59 26.50 -14.35
CA ALA A 117 -6.92 25.31 -15.09
C ALA A 117 -5.73 24.71 -15.78
N ASP A 118 -4.57 25.41 -15.89
N ASP A 118 -4.58 25.40 -15.85
CA ASP A 118 -3.40 24.86 -16.56
CA ASP A 118 -3.40 24.91 -16.54
C ASP A 118 -2.36 24.25 -15.60
C ASP A 118 -2.37 24.27 -15.61
N PHE A 119 -2.73 24.09 -14.34
CA PHE A 119 -1.85 23.61 -13.29
C PHE A 119 -1.24 22.25 -13.68
N ALA A 120 -1.92 21.51 -14.53
CA ALA A 120 -1.45 20.18 -14.86
C ALA A 120 -0.18 20.16 -15.68
N GLN A 121 0.19 21.30 -16.29
CA GLN A 121 1.44 21.38 -17.04
C GLN A 121 2.59 21.12 -16.09
N GLU A 122 2.40 21.46 -14.83
CA GLU A 122 3.43 21.16 -13.82
C GLU A 122 3.67 19.67 -13.71
N CYS A 123 2.56 18.91 -13.56
CA CYS A 123 2.59 17.47 -13.51
C CYS A 123 3.27 16.88 -14.75
N MET A 124 2.91 17.39 -15.92
CA MET A 124 3.46 16.95 -17.18
CA MET A 124 3.46 16.92 -17.18
C MET A 124 4.95 17.20 -17.28
N GLY A 125 5.43 18.26 -16.64
CA GLY A 125 6.84 18.58 -16.61
C GLY A 125 7.71 17.40 -16.21
N CYS A 126 7.27 16.71 -15.18
CA CYS A 126 8.01 15.51 -14.82
CA CYS A 126 7.90 15.51 -14.71
C CYS A 126 7.45 14.28 -15.48
N HIS A 127 6.13 14.15 -15.54
CA HIS A 127 5.55 12.94 -16.08
C HIS A 127 5.89 12.69 -17.55
N SER A 128 6.27 13.73 -18.29
CA SER A 128 6.72 13.58 -19.66
CA SER A 128 6.72 13.59 -19.65
C SER A 128 7.96 12.71 -19.73
N GLY A 129 8.73 12.66 -18.64
CA GLY A 129 9.89 11.81 -18.58
C GLY A 129 9.54 10.33 -18.63
N ALA A 130 8.30 9.98 -18.29
CA ALA A 130 7.82 8.61 -18.39
C ALA A 130 6.96 8.35 -19.63
N LYS A 131 7.10 9.17 -20.66
CA LYS A 131 6.30 9.05 -21.84
C LYS A 131 6.34 7.65 -22.46
N ALA A 132 7.47 6.97 -22.39
CA ALA A 132 7.58 5.61 -22.92
C ALA A 132 6.66 4.65 -22.19
N ALA A 133 6.30 5.01 -20.94
CA ALA A 133 5.41 4.18 -20.14
C ALA A 133 4.07 4.87 -19.97
N ASP A 134 3.59 5.57 -21.01
CA ASP A 134 2.33 6.29 -21.03
C ASP A 134 2.20 7.25 -19.84
N TYR A 135 3.31 7.92 -19.49
N TYR A 135 3.31 7.90 -19.47
CA TYR A 135 3.33 9.00 -18.50
CA TYR A 135 3.35 9.00 -18.52
C TYR A 135 3.12 8.51 -17.08
C TYR A 135 3.35 8.52 -17.07
N VAL A 136 3.28 7.20 -16.85
CA VAL A 136 3.11 6.62 -15.53
C VAL A 136 4.44 6.05 -15.11
N PHE A 137 4.93 6.55 -13.97
CA PHE A 137 6.20 6.06 -13.47
C PHE A 137 6.02 4.71 -12.78
N THR A 138 4.94 4.54 -12.03
CA THR A 138 4.74 3.41 -11.18
C THR A 138 4.76 2.12 -11.99
N HIS A 139 5.51 1.15 -11.51
CA HIS A 139 5.47 -0.21 -12.05
C HIS A 139 4.61 -0.97 -11.05
N PRO A 140 3.49 -1.58 -11.45
CA PRO A 140 2.68 -2.39 -10.53
C PRO A 140 3.55 -3.37 -9.75
N ALA A 141 3.37 -3.46 -8.44
CA ALA A 141 4.14 -4.35 -7.62
C ALA A 141 3.81 -5.77 -7.98
N LYS A 142 4.80 -6.66 -8.01
N LYS A 142 4.82 -6.63 -7.87
CA LYS A 142 4.52 -8.03 -8.41
CA LYS A 142 4.71 -8.06 -8.15
C LYS A 142 4.06 -8.81 -7.18
C LYS A 142 3.97 -8.74 -7.01
N LEU A 143 2.93 -9.50 -7.35
CA LEU A 143 2.33 -10.38 -6.37
C LEU A 143 2.08 -11.74 -6.98
N PRO A 144 2.06 -12.84 -6.19
CA PRO A 144 1.75 -14.15 -6.76
C PRO A 144 0.30 -14.24 -7.20
N GLU B 1 -3.40 -24.90 -4.98
CA GLU B 1 -3.33 -24.03 -3.79
C GLU B 1 -1.93 -24.16 -3.15
N PRO B 2 -1.35 -23.09 -2.55
CA PRO B 2 -0.15 -23.24 -1.73
CA PRO B 2 -0.15 -23.26 -1.75
C PRO B 2 -0.40 -24.11 -0.51
N ALA B 3 0.65 -24.76 -0.02
CA ALA B 3 0.58 -25.51 1.23
C ALA B 3 0.17 -24.61 2.40
N ALA B 4 -0.53 -25.19 3.36
CA ALA B 4 -0.85 -24.58 4.62
C ALA B 4 0.46 -24.32 5.40
N ALA B 5 0.31 -23.34 6.32
CA ALA B 5 1.38 -23.06 7.25
C ALA B 5 1.46 -24.24 8.22
N PRO B 6 2.59 -24.41 8.93
CA PRO B 6 2.76 -25.57 9.79
C PRO B 6 1.83 -25.60 10.98
N ASN B 7 1.18 -24.50 11.31
CA ASN B 7 0.15 -24.48 12.32
C ASN B 7 -1.25 -24.73 11.78
N GLY B 8 -1.32 -25.12 10.51
CA GLY B 8 -2.59 -25.44 9.88
C GLY B 8 -3.32 -24.26 9.23
N ILE B 9 -2.80 -23.04 9.27
CA ILE B 9 -3.54 -21.93 8.66
C ILE B 9 -3.34 -22.00 7.15
N SER B 10 -4.44 -21.94 6.38
CA SER B 10 -4.39 -21.93 4.93
CA SER B 10 -4.35 -21.93 4.93
C SER B 10 -4.19 -20.49 4.49
N LEU B 11 -3.62 -20.33 3.33
CA LEU B 11 -3.38 -18.99 2.81
CA LEU B 11 -3.37 -18.98 2.84
C LEU B 11 -4.72 -18.35 2.49
N PRO B 12 -5.07 -17.17 3.06
CA PRO B 12 -6.34 -16.53 2.72
C PRO B 12 -6.42 -16.24 1.23
N ALA B 13 -7.45 -16.76 0.57
CA ALA B 13 -7.61 -16.57 -0.84
C ALA B 13 -8.16 -15.14 -1.08
N GLY B 14 -7.62 -14.49 -2.07
CA GLY B 14 -8.18 -13.21 -2.44
C GLY B 14 -7.55 -12.03 -1.73
N TYR B 15 -6.46 -12.23 -0.99
CA TYR B 15 -5.92 -11.16 -0.18
C TYR B 15 -5.41 -10.02 -1.08
N LYS B 16 -5.04 -10.27 -2.33
CA LYS B 16 -4.53 -9.17 -3.13
CA LYS B 16 -4.57 -9.23 -3.22
C LYS B 16 -5.64 -8.19 -3.49
N ASP B 17 -6.90 -8.57 -3.26
CA ASP B 17 -8.04 -7.72 -3.53
CA ASP B 17 -8.01 -7.68 -3.53
C ASP B 17 -8.52 -6.95 -2.31
N TRP B 18 -7.81 -7.08 -1.20
CA TRP B 18 -8.27 -6.44 0.02
C TRP B 18 -7.89 -4.97 0.09
N LYS B 19 -8.55 -4.25 1.00
CA LYS B 19 -8.34 -2.84 1.15
C LYS B 19 -7.15 -2.53 2.00
N MET B 20 -6.59 -1.37 1.75
CA MET B 20 -5.37 -0.95 2.41
C MET B 20 -5.63 -0.42 3.81
N ILE B 21 -4.76 -0.81 4.74
CA ILE B 21 -4.69 -0.31 6.09
C ILE B 21 -3.50 0.63 6.22
N GLY B 22 -2.35 0.27 5.64
CA GLY B 22 -1.22 1.18 5.71
C GLY B 22 -0.12 0.76 4.80
N VAL B 23 1.02 1.42 5.01
CA VAL B 23 2.26 1.12 4.33
CA VAL B 23 2.26 1.10 4.33
C VAL B 23 3.38 1.29 5.34
N SER B 24 4.52 0.74 5.04
CA SER B 24 5.69 0.93 5.91
C SER B 24 6.95 0.66 5.12
N SER B 25 8.06 0.98 5.74
CA SER B 25 9.37 0.71 5.21
C SER B 25 10.21 0.31 6.39
N ARG B 26 10.85 -0.85 6.30
CA ARG B 26 11.68 -1.32 7.41
C ARG B 26 13.13 -1.10 6.97
N ILE B 27 13.76 -0.15 7.59
CA ILE B 27 15.12 0.31 7.32
CA ILE B 27 15.08 0.26 7.15
C ILE B 27 16.06 -0.90 7.30
N GLU B 28 15.96 -1.70 8.38
CA GLU B 28 16.99 -2.73 8.55
C GLU B 28 16.82 -3.86 7.56
N GLN B 29 15.61 -3.98 6.98
N GLN B 29 15.62 -3.97 6.98
CA GLN B 29 15.32 -5.01 6.03
CA GLN B 29 15.32 -5.02 6.01
C GLN B 29 15.41 -4.53 4.59
C GLN B 29 15.45 -4.54 4.58
N ASN B 30 15.53 -3.22 4.36
CA ASN B 30 15.55 -2.64 3.02
CA ASN B 30 15.57 -2.69 3.02
C ASN B 30 14.33 -3.12 2.23
N ASN B 31 13.15 -3.19 2.92
N ASN B 31 13.17 -2.81 2.78
CA ASN B 31 11.87 -3.63 2.36
CA ASN B 31 11.99 -3.20 2.05
C ASN B 31 10.84 -2.49 2.42
C ASN B 31 10.99 -2.06 2.09
N LEU B 32 9.93 -2.40 1.41
CA LEU B 32 8.73 -1.63 1.43
C LEU B 32 7.59 -2.61 1.68
N ARG B 33 6.59 -2.18 2.43
CA ARG B 33 5.54 -3.09 2.80
C ARG B 33 4.21 -2.40 2.61
N ALA B 34 3.21 -3.20 2.23
CA ALA B 34 1.83 -2.75 2.22
C ALA B 34 1.11 -3.61 3.25
N ILE B 35 0.22 -3.00 4.01
CA ILE B 35 -0.57 -3.73 4.95
C ILE B 35 -2.03 -3.60 4.46
N LEU B 36 -2.62 -4.77 4.23
CA LEU B 36 -4.00 -4.85 3.80
C LEU B 36 -4.75 -5.56 4.89
N GLY B 37 -6.07 -5.50 4.80
CA GLY B 37 -6.88 -6.34 5.68
C GLY B 37 -8.19 -6.72 5.04
N ASN B 38 -8.70 -7.86 5.49
CA ASN B 38 -10.04 -8.23 5.05
C ASN B 38 -11.02 -7.17 5.55
N ASP B 39 -12.30 -7.31 5.17
CA ASP B 39 -13.23 -6.26 5.49
C ASP B 39 -13.55 -6.14 6.97
N ILE B 40 -13.39 -7.24 7.69
CA ILE B 40 -13.54 -7.24 9.15
C ILE B 40 -12.46 -6.37 9.74
N ALA B 41 -11.22 -6.58 9.30
CA ALA B 41 -10.08 -5.82 9.78
C ALA B 41 -10.18 -4.35 9.43
N VAL B 42 -10.56 -4.05 8.17
CA VAL B 42 -10.63 -2.70 7.70
C VAL B 42 -11.70 -1.93 8.48
N LYS B 43 -12.86 -2.51 8.67
CA LYS B 43 -13.92 -1.86 9.43
CA LYS B 43 -13.90 -1.81 9.41
C LYS B 43 -13.39 -1.56 10.84
N ALA B 44 -12.80 -2.55 11.49
CA ALA B 44 -12.25 -2.38 12.82
C ALA B 44 -11.19 -1.30 12.84
N ALA B 45 -10.29 -1.35 11.86
CA ALA B 45 -9.22 -0.39 11.80
C ALA B 45 -9.79 1.01 11.69
N ARG B 46 -10.76 1.21 10.80
CA ARG B 46 -11.24 2.56 10.56
C ARG B 46 -12.07 3.01 11.76
N GLU B 47 -12.78 2.12 12.47
CA GLU B 47 -13.63 2.56 13.58
C GLU B 47 -12.89 2.50 14.93
N GLY B 48 -11.62 2.08 14.95
CA GLY B 48 -10.80 2.04 16.14
C GLY B 48 -11.14 0.86 17.07
N ARG B 49 -11.70 -0.22 16.55
N ARG B 49 -11.79 -0.17 16.54
CA ARG B 49 -12.09 -1.36 17.37
CA ARG B 49 -12.08 -1.36 17.30
C ARG B 49 -10.95 -2.38 17.38
C ARG B 49 -10.85 -2.26 17.19
N THR B 50 -9.84 -1.97 18.00
CA THR B 50 -8.59 -2.66 17.87
C THR B 50 -8.04 -3.02 19.26
N HIS B 51 -8.94 -3.12 20.24
CA HIS B 51 -8.56 -3.36 21.63
C HIS B 51 -9.61 -4.26 22.26
N PRO B 52 -9.73 -5.56 21.92
CA PRO B 52 -8.92 -6.20 20.92
C PRO B 52 -9.53 -6.05 19.52
N TRP B 53 -8.77 -6.47 18.51
CA TRP B 53 -9.33 -6.62 17.19
C TRP B 53 -10.40 -7.65 17.26
N PRO B 54 -11.41 -7.60 16.38
N PRO B 54 -11.52 -7.37 16.58
CA PRO B 54 -12.40 -8.68 16.36
CA PRO B 54 -12.63 -8.30 16.56
C PRO B 54 -11.98 -10.00 15.77
C PRO B 54 -12.23 -9.54 15.77
N ASP B 55 -12.61 -11.07 16.28
N ASP B 55 -12.90 -10.65 16.06
CA ASP B 55 -12.60 -12.36 15.67
CA ASP B 55 -12.47 -11.95 15.59
C ASP B 55 -12.90 -12.19 14.17
C ASP B 55 -12.91 -12.18 14.13
N GLY B 56 -12.07 -12.87 13.37
CA GLY B 56 -12.22 -12.93 11.91
C GLY B 56 -11.36 -11.86 11.18
N ALA B 57 -10.85 -10.87 11.88
CA ALA B 57 -9.97 -9.89 11.27
C ALA B 57 -8.74 -10.59 10.75
N ILE B 58 -8.35 -10.27 9.51
CA ILE B 58 -7.12 -10.78 8.98
C ILE B 58 -6.31 -9.58 8.50
N LEU B 59 -5.05 -9.53 8.92
N LEU B 59 -5.05 -9.46 8.94
CA LEU B 59 -4.12 -8.54 8.42
CA LEU B 59 -4.13 -8.41 8.48
C LEU B 59 -3.11 -9.26 7.56
C LEU B 59 -2.98 -9.05 7.72
N VAL B 60 -2.71 -8.57 6.48
CA VAL B 60 -1.69 -9.13 5.65
C VAL B 60 -0.65 -8.03 5.44
N LYS B 61 0.62 -8.38 5.54
CA LYS B 61 1.69 -7.49 5.18
C LYS B 61 2.48 -8.10 4.05
N LEU B 62 2.58 -7.34 2.96
CA LEU B 62 3.27 -7.76 1.77
C LEU B 62 4.57 -6.99 1.69
N SER B 63 5.67 -7.70 1.47
CA SER B 63 7.01 -7.12 1.56
CA SER B 63 6.98 -7.07 1.55
C SER B 63 7.69 -7.26 0.22
N TRP B 64 8.31 -6.19 -0.26
CA TRP B 64 9.12 -6.24 -1.44
C TRP B 64 10.49 -5.66 -1.06
N LYS B 65 11.50 -6.13 -1.76
N LYS B 65 11.57 -6.16 -1.65
CA LYS B 65 12.80 -5.49 -1.70
CA LYS B 65 12.88 -5.52 -1.50
C LYS B 65 12.67 -4.08 -2.26
C LYS B 65 12.90 -4.22 -2.30
N LYS B 66 13.36 -3.16 -1.62
CA LYS B 66 13.41 -1.79 -2.16
C LYS B 66 14.33 -1.73 -3.37
N SER B 67 13.93 -0.93 -4.36
N SER B 67 13.87 -1.09 -4.45
N SER B 67 13.82 -1.13 -4.46
CA SER B 67 14.63 -0.74 -5.62
CA SER B 67 14.76 -0.70 -5.51
CA SER B 67 14.58 -0.75 -5.63
C SER B 67 14.36 0.69 -6.08
C SER B 67 14.58 0.79 -5.72
C SER B 67 14.73 0.77 -5.60
N THR B 68 15.37 1.34 -6.64
CA THR B 68 15.18 2.74 -7.00
CA THR B 68 15.37 2.73 -7.08
C THR B 68 14.64 2.78 -8.41
N HIS B 69 13.78 3.75 -8.63
CA HIS B 69 13.15 3.82 -9.94
C HIS B 69 14.23 4.21 -10.97
N GLU B 70 14.20 3.59 -12.13
CA GLU B 70 15.19 3.87 -13.16
C GLU B 70 15.05 5.30 -13.69
N LEU B 71 13.87 5.97 -13.57
CA LEU B 71 13.72 7.30 -14.16
C LEU B 71 13.74 8.39 -13.10
N PHE B 72 13.80 8.00 -11.84
CA PHE B 72 13.60 8.95 -10.77
C PHE B 72 14.28 8.38 -9.55
N PRO B 73 15.63 8.50 -9.48
CA PRO B 73 16.44 7.79 -8.50
CA PRO B 73 16.40 7.74 -8.50
C PRO B 73 16.08 8.03 -7.04
N SER B 74 15.37 9.09 -6.73
CA SER B 74 15.01 9.33 -5.35
C SER B 74 13.72 8.58 -4.97
N ALA B 75 13.09 7.92 -5.94
CA ALA B 75 11.86 7.14 -5.63
C ALA B 75 12.27 5.68 -5.35
N GLU B 76 12.03 5.25 -4.10
N GLU B 76 11.97 5.21 -4.13
CA GLU B 76 12.23 3.86 -3.69
CA GLU B 76 12.28 3.84 -3.73
C GLU B 76 10.94 3.11 -3.99
C GLU B 76 11.01 3.00 -3.83
N VAL B 77 11.04 2.05 -4.78
CA VAL B 77 9.85 1.38 -5.31
C VAL B 77 10.07 -0.12 -5.11
N PRO B 78 9.00 -0.93 -5.17
CA PRO B 78 9.13 -2.35 -4.96
C PRO B 78 9.90 -3.03 -6.06
N GLY B 79 10.80 -3.89 -5.66
N GLY B 79 10.83 -3.87 -5.62
CA GLY B 79 11.31 -4.86 -6.60
CA GLY B 79 11.55 -4.79 -6.50
C GLY B 79 10.77 -6.24 -6.27
C GLY B 79 10.91 -6.18 -6.46
N ASP B 80 11.70 -7.17 -6.02
CA ASP B 80 11.36 -8.56 -5.75
CA ASP B 80 11.19 -8.51 -5.89
C ASP B 80 10.33 -8.65 -4.63
N PHE B 81 9.28 -9.45 -4.81
CA PHE B 81 8.38 -9.81 -3.74
C PHE B 81 9.03 -10.80 -2.80
N THR B 82 9.03 -10.54 -1.52
CA THR B 82 9.76 -11.40 -0.61
C THR B 82 8.84 -12.24 0.24
N GLN B 83 7.75 -11.68 0.76
N GLN B 83 7.80 -11.66 0.87
CA GLN B 83 6.88 -12.53 1.56
CA GLN B 83 7.04 -12.43 1.84
C GLN B 83 5.56 -11.84 1.87
C GLN B 83 5.65 -11.83 2.07
N ALA B 84 4.67 -12.70 2.33
CA ALA B 84 3.34 -12.30 2.80
C ALA B 84 3.21 -12.81 4.23
N ASP B 85 2.98 -11.90 5.17
CA ASP B 85 2.78 -12.25 6.55
CA ASP B 85 2.77 -12.24 6.55
C ASP B 85 1.31 -12.01 6.90
N PHE B 86 0.71 -12.93 7.65
CA PHE B 86 -0.67 -12.82 8.05
C PHE B 86 -0.80 -12.99 9.54
N MET B 87 -1.75 -12.23 10.07
CA MET B 87 -2.30 -12.45 11.38
C MET B 87 -3.82 -12.61 11.26
N VAL B 88 -4.33 -13.72 11.81
CA VAL B 88 -5.73 -14.06 11.74
C VAL B 88 -6.27 -14.02 13.17
N LYS B 89 -7.24 -13.18 13.44
CA LYS B 89 -7.75 -13.04 14.80
CA LYS B 89 -7.75 -13.04 14.80
C LYS B 89 -8.78 -14.13 15.10
N ASP B 90 -8.49 -14.91 16.14
CA ASP B 90 -9.49 -15.81 16.68
C ASP B 90 -9.12 -16.10 18.15
N ALA B 91 -9.73 -15.28 19.01
CA ALA B 91 -9.37 -15.14 20.41
C ALA B 91 -9.37 -16.50 21.08
N ALA B 92 -10.39 -17.31 20.80
CA ALA B 92 -10.47 -18.63 21.40
C ALA B 92 -9.49 -19.58 20.71
N LYS B 93 -9.54 -19.70 19.39
N LYS B 93 -9.45 -19.57 19.38
CA LYS B 93 -8.72 -20.71 18.73
CA LYS B 93 -8.80 -20.61 18.62
C LYS B 93 -7.20 -20.48 18.87
C LYS B 93 -7.28 -20.41 18.44
N TYR B 94 -6.72 -19.25 18.85
CA TYR B 94 -5.27 -19.05 18.92
C TYR B 94 -4.89 -18.41 20.24
N ALA B 95 -5.57 -18.79 21.35
CA ALA B 95 -5.40 -18.13 22.64
C ALA B 95 -3.97 -18.29 23.10
N SER B 96 -3.32 -19.35 22.64
CA SER B 96 -1.93 -19.57 23.07
C SER B 96 -0.94 -18.63 22.40
N THR B 97 -1.34 -17.96 21.29
CA THR B 97 -0.46 -17.03 20.65
C THR B 97 -1.17 -15.70 20.66
N GLY B 98 -1.80 -15.41 21.79
CA GLY B 98 -2.30 -14.08 22.04
C GLY B 98 -3.59 -13.77 21.28
N GLY B 99 -4.22 -14.80 20.76
CA GLY B 99 -5.47 -14.59 20.10
C GLY B 99 -5.29 -14.43 18.60
N TRP B 100 -4.02 -14.53 18.14
CA TRP B 100 -3.76 -14.43 16.69
C TRP B 100 -3.10 -15.66 16.13
N GLY B 101 -3.54 -16.03 14.95
CA GLY B 101 -2.90 -17.03 14.16
C GLY B 101 -1.91 -16.37 13.21
N TYR B 102 -0.63 -16.72 13.36
CA TYR B 102 0.43 -16.13 12.56
C TYR B 102 0.77 -17.09 11.45
N ALA B 103 1.09 -16.57 10.24
CA ALA B 103 1.55 -17.41 9.19
C ALA B 103 2.31 -16.55 8.17
N ARG B 104 3.25 -17.15 7.51
CA ARG B 104 4.07 -16.41 6.54
C ARG B 104 4.25 -17.34 5.36
N TRP B 105 4.12 -16.79 4.16
CA TRP B 105 4.48 -17.51 2.95
C TRP B 105 5.53 -16.71 2.20
N LEU B 106 6.55 -17.42 1.74
CA LEU B 106 7.73 -16.81 1.16
C LEU B 106 7.65 -16.79 -0.34
N GLY B 107 7.84 -15.59 -0.91
CA GLY B 107 8.18 -15.46 -2.33
C GLY B 107 7.02 -15.71 -3.24
N MET B 108 7.34 -15.61 -4.55
CA MET B 108 6.37 -15.87 -5.59
C MET B 108 5.87 -17.31 -5.57
N GLU B 109 6.77 -18.19 -5.13
N GLU B 109 6.60 -18.29 -5.04
CA GLU B 109 6.52 -19.62 -5.02
CA GLU B 109 6.06 -19.66 -5.01
C GLU B 109 5.73 -19.97 -3.75
C GLU B 109 5.01 -19.87 -3.89
N GLN B 110 5.69 -19.03 -2.79
N GLN B 110 4.90 -18.93 -2.94
CA GLN B 110 4.78 -19.10 -1.68
CA GLN B 110 4.02 -19.09 -1.80
C GLN B 110 5.10 -20.33 -0.82
C GLN B 110 4.34 -20.36 -1.03
N LYS B 111 6.35 -20.46 -0.40
N LYS B 111 5.59 -20.43 -0.59
CA LYS B 111 6.71 -21.57 0.45
CA LYS B 111 6.10 -21.47 0.27
C LYS B 111 6.29 -21.21 1.87
C LYS B 111 5.90 -21.09 1.72
N PRO B 112 5.49 -22.04 2.57
CA PRO B 112 5.15 -21.73 3.95
CA PRO B 112 5.15 -21.77 3.95
C PRO B 112 6.42 -21.71 4.79
N TYR B 113 6.49 -20.70 5.63
N TYR B 113 6.49 -20.73 5.67
CA TYR B 113 7.58 -20.53 6.55
CA TYR B 113 7.67 -20.55 6.47
C TYR B 113 7.37 -21.39 7.77
C TYR B 113 7.46 -21.18 7.84
N GLY B 114 8.50 -21.87 8.30
CA GLY B 114 8.54 -22.33 9.67
C GLY B 114 8.93 -23.82 9.72
N ALA B 115 9.71 -24.16 10.74
CA ALA B 115 10.30 -25.49 10.85
C ALA B 115 9.25 -26.47 11.34
N ASN B 116 8.28 -26.00 12.06
CA ASN B 116 7.30 -26.84 12.69
C ASN B 116 6.19 -25.93 13.14
N ALA B 117 5.23 -26.51 13.84
CA ALA B 117 4.01 -25.85 14.25
C ALA B 117 4.20 -24.81 15.32
N ASP B 118 5.38 -24.76 15.99
N ASP B 118 5.42 -24.76 15.88
CA ASP B 118 5.63 -23.71 16.97
CA ASP B 118 5.77 -23.86 16.95
C ASP B 118 6.39 -22.50 16.40
C ASP B 118 6.41 -22.57 16.41
N PHE B 119 6.55 -22.42 15.08
CA PHE B 119 7.23 -21.30 14.44
C PHE B 119 6.68 -19.98 14.92
N ALA B 120 5.39 -19.91 15.33
CA ALA B 120 4.77 -18.64 15.63
C ALA B 120 5.31 -18.03 16.90
N GLN B 121 6.07 -18.80 17.70
CA GLN B 121 6.71 -18.22 18.85
C GLN B 121 7.75 -17.22 18.44
N GLU B 122 8.30 -17.37 17.24
CA GLU B 122 9.21 -16.34 16.75
C GLU B 122 8.51 -15.01 16.56
N CYS B 123 7.37 -15.08 15.88
CA CYS B 123 6.52 -13.92 15.68
C CYS B 123 6.15 -13.21 16.99
N MET B 124 5.72 -13.99 17.98
CA MET B 124 5.39 -13.54 19.31
CA MET B 124 5.35 -13.49 19.29
C MET B 124 6.55 -12.87 20.00
N GLY B 125 7.74 -13.35 19.73
CA GLY B 125 8.91 -12.79 20.36
C GLY B 125 9.01 -11.30 20.14
N CYS B 126 8.62 -10.84 18.96
CA CYS B 126 8.64 -9.41 18.75
CA CYS B 126 8.62 -9.45 18.62
C CYS B 126 7.29 -8.81 18.97
N HIS B 127 6.25 -9.51 18.51
CA HIS B 127 4.94 -8.89 18.59
C HIS B 127 4.46 -8.74 20.03
N SER B 128 5.05 -9.46 20.99
CA SER B 128 4.75 -9.20 22.39
CA SER B 128 4.76 -9.21 22.39
C SER B 128 5.11 -7.79 22.81
N GLY B 129 6.01 -7.12 22.10
CA GLY B 129 6.34 -5.75 22.39
C GLY B 129 5.16 -4.83 22.13
N ALA B 130 4.18 -5.32 21.34
CA ALA B 130 2.97 -4.54 21.07
C ALA B 130 1.75 -5.11 21.80
N LYS B 131 2.00 -5.83 22.91
CA LYS B 131 0.94 -6.51 23.63
CA LYS B 131 0.93 -6.53 23.61
C LYS B 131 -0.16 -5.56 24.04
N ALA B 132 0.19 -4.33 24.39
CA ALA B 132 -0.79 -3.34 24.80
C ALA B 132 -1.73 -2.99 23.65
N ALA B 133 -1.27 -3.18 22.40
CA ALA B 133 -2.06 -2.86 21.24
C ALA B 133 -2.53 -4.13 20.54
N ASP B 134 -2.80 -5.19 21.33
CA ASP B 134 -3.29 -6.47 20.90
C ASP B 134 -2.32 -7.10 19.87
N TYR B 135 -0.99 -6.94 20.09
N TYR B 135 -1.01 -6.84 20.07
CA TYR B 135 0.08 -7.60 19.35
CA TYR B 135 0.08 -7.53 19.37
C TYR B 135 0.26 -7.01 17.93
C TYR B 135 0.21 -7.04 17.92
N VAL B 136 -0.41 -5.90 17.64
CA VAL B 136 -0.36 -5.28 16.35
C VAL B 136 0.40 -4.01 16.46
N PHE B 137 1.48 -3.89 15.68
CA PHE B 137 2.22 -2.65 15.61
C PHE B 137 1.50 -1.58 14.78
N THR B 138 0.99 -1.99 13.61
CA THR B 138 0.50 -1.09 12.61
C THR B 138 -0.59 -0.17 13.20
N HIS B 139 -0.42 1.12 12.94
CA HIS B 139 -1.46 2.12 13.17
C HIS B 139 -2.05 2.38 11.78
N PRO B 140 -3.34 2.13 11.59
CA PRO B 140 -3.99 2.47 10.36
C PRO B 140 -3.59 3.85 9.91
N ALA B 141 -3.29 3.99 8.63
CA ALA B 141 -2.92 5.27 8.08
C ALA B 141 -4.15 6.16 8.05
N LYS B 142 -3.89 7.46 8.29
N LYS B 142 -3.95 7.47 8.26
CA LYS B 142 -4.92 8.49 8.29
CA LYS B 142 -5.09 8.37 8.38
C LYS B 142 -5.34 8.76 6.85
C LYS B 142 -5.37 8.99 7.02
N LEU B 143 -6.64 8.86 6.64
CA LEU B 143 -7.17 9.35 5.38
C LEU B 143 -8.39 10.21 5.67
N PRO B 144 -8.71 11.13 4.76
CA PRO B 144 -9.87 11.99 4.94
C PRO B 144 -11.18 11.24 4.76
FE FE C . 3.55 12.59 -10.14
S SO4 D . 5.48 14.95 -6.37
O1 SO4 D . 5.29 13.64 -6.93
O2 SO4 D . 4.68 15.98 -7.02
O3 SO4 D . 5.09 14.96 -4.93
O4 SO4 D . 6.88 15.31 -6.60
CHA HEC E . 3.68 9.37 -8.84
CHB HEC E . 0.14 12.43 -10.18
CHC HEC E . 3.34 16.00 -10.33
CHD HEC E . 6.89 12.74 -10.27
NA HEC E . 2.16 11.11 -9.82
C1A HEC E . 2.51 9.83 -9.44
C2A HEC E . 1.23 9.13 -9.09
C3A HEC E . 0.16 10.03 -9.56
C4A HEC E . 0.78 11.26 -9.86
CMA HEC E . -1.13 9.72 -9.69
CAA HEC E . 1.01 7.71 -9.70
CBA HEC E . 1.27 7.57 -11.19
CGA HEC E . 2.73 7.44 -11.55
O1A HEC E . 3.43 6.53 -11.01
O2A HEC E . 3.13 8.08 -12.49
NB HEC E . 2.07 13.93 -10.29
C1B HEC E . 0.74 13.68 -10.23
C2B HEC E . -0.02 14.91 -10.27
C3B HEC E . 0.90 15.90 -10.40
C4B HEC E . 2.20 15.29 -10.33
CMB HEC E . -1.53 15.02 -10.22
CAB HEC E . 0.71 17.39 -10.59
CBB HEC E . -0.28 18.01 -9.59
NC HEC E . 4.88 14.11 -10.27
C1C HEC E . 4.63 15.45 -10.39
C2C HEC E . 5.90 16.13 -10.55
C3C HEC E . 6.88 15.18 -10.55
C4C HEC E . 6.24 13.90 -10.38
CMC HEC E . 6.03 17.63 -10.76
CAC HEC E . 8.38 15.33 -10.66
CBC HEC E . 8.98 16.44 -9.76
ND HEC E . 5.02 11.28 -9.74
C1D HEC E . 6.37 11.51 -9.99
C2D HEC E . 7.13 10.29 -9.75
C3D HEC E . 6.25 9.36 -9.29
C4D HEC E . 4.96 10.01 -9.25
CMD HEC E . 8.59 10.09 -10.04
CAD HEC E . 6.57 7.92 -8.96
CBD HEC E . 7.36 7.68 -7.65
CGD HEC E . 6.49 7.95 -6.43
O1D HEC E . 5.69 7.09 -6.07
O2D HEC E . 6.61 9.06 -5.83
FE FE F . 5.66 -8.94 12.35
S SO4 G . 10.05 -9.33 10.00
O1 SO4 G . 9.77 -10.70 10.44
O2 SO4 G . 10.28 -9.39 8.54
O3 SO4 G . 9.02 -8.41 10.35
O4 SO4 G . 11.26 -8.91 10.71
CHA HEC H . 4.40 -6.11 10.78
CHB HEC H . 3.16 -10.83 11.00
CHC HEC H . 7.47 -11.79 12.88
CHD HEC H . 7.96 -7.15 13.86
NA HEC H . 3.93 -8.46 11.33
C1A HEC H . 3.62 -7.22 10.96
C2A HEC H . 2.35 -7.34 10.07
C3A HEC H . 1.99 -8.78 10.18
C4A HEC H . 3.07 -9.45 10.88
CMA HEC H . 0.87 -9.36 9.75
CAA HEC H . 1.12 -6.45 10.34
CBA HEC H . 0.61 -6.44 11.76
CGA HEC H . 1.42 -5.58 12.70
O1A HEC H . 1.62 -6.04 13.80
O2A HEC H . 1.61 -4.36 12.43
NB HEC H . 5.40 -10.87 11.99
C1B HEC H . 4.30 -11.50 11.46
C2B HEC H . 4.49 -12.91 11.34
C3B HEC H . 5.68 -13.19 11.96
C4B HEC H . 6.23 -11.92 12.31
CMB HEC H . 3.52 -13.86 10.68
CAB HEC H . 6.36 -14.49 12.29
CBB HEC H . 6.47 -15.44 11.10
NC HEC H . 7.44 -9.42 13.23
C1C HEC H . 8.00 -10.63 13.37
C2C HEC H . 9.27 -10.45 14.06
C3C HEC H . 9.37 -9.11 14.36
C4C HEC H . 8.22 -8.46 13.80
CMC HEC H . 10.21 -11.58 14.40
CAC HEC H . 10.49 -8.38 15.08
CBC HEC H . 11.91 -8.81 14.71
ND HEC H . 6.04 -7.00 12.36
C1D HEC H . 7.00 -6.44 13.20
C2D HEC H . 6.91 -4.98 13.19
C3D HEC H . 5.94 -4.67 12.26
C4D HEC H . 5.46 -5.92 11.74
CMD HEC H . 7.70 -4.00 14.00
CAD HEC H . 5.41 -3.29 12.00
CBD HEC H . 6.30 -2.41 11.09
CGD HEC H . 6.36 -2.91 9.65
O1D HEC H . 7.34 -3.62 9.34
O2D HEC H . 5.40 -2.69 8.90
#